data_3NI2
#
_entry.id   3NI2
#
_cell.length_a   161.510
_cell.length_b   161.510
_cell.length_c   161.510
_cell.angle_alpha   90.000
_cell.angle_beta   90.000
_cell.angle_gamma   90.000
#
_symmetry.space_group_name_H-M   'I 21 3'
#
loop_
_entity.id
_entity.type
_entity.pdbx_description
1 polymer '4-coumarate:CoA ligase'
2 non-polymer "5'-O-{(S)-hydroxy[3-(4-hydroxyphenyl)propoxy]phosphoryl}adenosine"
3 non-polymer '4-(2-HYDROXYETHYL)-1-PIPERAZINE ETHANESULFONIC ACID'
4 water water
#
_entity_poly.entity_id   1
_entity_poly.type   'polypeptide(L)'
_entity_poly.pdbx_seq_one_letter_code
;MNPQEEFIFRSKLPDIYIPKNLPLHSYVLENLSNHSSKPCLINGANGDVYTYADVELTARRVASGLNKIGIQQGDVIMLF
LPSSPEFVLAFLGASHRGAIITAANPFSTPAELAKHAKASRAKLLITQACYYEKVKDFARESDVKVMCVDSAPDGCLHFS
ELTQADENEAPQVDISPDDVVALPYSSGTTGLPKGVMLTHKGLITSVAQQVDGDNPNLYFHSEDVILCVLPMFHIYALNS
IMLCGLRVGAPILIMPKFEIGSLLGLIEKYKVSIAPVVPPVMMSIAKSPDLDKHDLSSLRMIKSGGAPLGKELEDTVRAK
FPQARLGQGYGMTEAGPVLAMCLAFAKEPFDIKPGACGTVVRNAEMKIVDPETGASLPRNQPGEICIRGDQIMKGYLNDP
EATSRTIDKEGWLHTGDIGYIDDDDELFIVDRLKELIKYKGFQVAPAELEALLIAHPEISDAAVVGLKDEDAGEVPVAFV
VKSEKSQATEDEIKQYISKQVIFYKRIKRVFFIEAIPKAPSGKILRKNLKEKLAGI
;
_entity_poly.pdbx_strand_id   A
#
# COMPACT_ATOMS: atom_id res chain seq x y z
N GLU A 5 32.14 -4.71 2.99
CA GLU A 5 33.19 -4.20 3.92
C GLU A 5 32.65 -3.05 4.77
N GLU A 6 31.40 -3.19 5.20
CA GLU A 6 30.73 -2.19 6.02
C GLU A 6 30.58 -0.81 5.41
N PHE A 7 29.71 -0.72 4.41
CA PHE A 7 29.41 0.53 3.75
C PHE A 7 27.94 0.78 4.09
N ILE A 8 27.68 1.80 4.89
CA ILE A 8 26.31 2.12 5.28
C ILE A 8 25.97 3.50 4.71
N PHE A 9 24.86 3.56 3.98
CA PHE A 9 24.41 4.80 3.35
C PHE A 9 23.30 5.45 4.16
N ARG A 10 23.20 6.76 4.08
CA ARG A 10 22.15 7.50 4.79
C ARG A 10 21.71 8.68 3.94
N SER A 11 20.70 9.40 4.42
CA SER A 11 20.16 10.55 3.69
C SER A 11 21.11 11.74 3.64
N LYS A 12 20.89 12.61 2.66
CA LYS A 12 21.68 13.82 2.53
C LYS A 12 21.08 14.85 3.48
N LEU A 13 19.88 14.53 3.98
CA LEU A 13 19.20 15.40 4.95
C LEU A 13 19.67 14.95 6.33
N PRO A 14 19.70 15.87 7.31
CA PRO A 14 20.14 15.48 8.66
C PRO A 14 19.01 14.76 9.40
N ASP A 15 19.36 13.98 10.42
CA ASP A 15 18.34 13.30 11.22
C ASP A 15 17.52 14.34 11.96
N ILE A 16 16.28 14.01 12.28
CA ILE A 16 15.40 14.93 12.99
C ILE A 16 14.75 14.24 14.17
N TYR A 17 14.10 15.03 15.02
CA TYR A 17 13.40 14.49 16.17
C TYR A 17 12.14 13.77 15.69
N ILE A 18 11.93 12.56 16.21
CA ILE A 18 10.75 11.77 15.89
C ILE A 18 10.24 11.20 17.22
N PRO A 19 8.97 11.44 17.56
CA PRO A 19 8.43 10.91 18.82
C PRO A 19 8.48 9.40 18.93
N LYS A 20 8.80 8.92 20.13
CA LYS A 20 8.91 7.49 20.38
C LYS A 20 7.88 7.00 21.39
N ASN A 21 7.06 7.92 21.89
CA ASN A 21 6.07 7.56 22.90
C ASN A 21 4.66 8.08 22.61
N LEU A 22 4.27 8.10 21.35
CA LEU A 22 2.94 8.58 20.99
C LEU A 22 2.13 7.62 20.13
N PRO A 23 0.80 7.64 20.29
CA PRO A 23 -0.09 6.78 19.51
C PRO A 23 -0.15 7.47 18.15
N LEU A 24 -0.42 6.72 17.08
CA LEU A 24 -0.47 7.29 15.74
C LEU A 24 -1.43 8.46 15.57
N HIS A 25 -2.65 8.34 16.06
CA HIS A 25 -3.63 9.42 15.93
C HIS A 25 -3.20 10.70 16.64
N SER A 26 -2.55 10.55 17.80
CA SER A 26 -2.10 11.71 18.56
C SER A 26 -1.02 12.45 17.77
N TYR A 27 -0.18 11.69 17.07
CA TYR A 27 0.89 12.28 16.27
C TYR A 27 0.40 12.98 15.00
N VAL A 28 -0.41 12.31 14.19
CA VAL A 28 -0.86 12.93 12.95
C VAL A 28 -1.83 14.10 13.16
N LEU A 29 -2.50 14.14 14.31
CA LEU A 29 -3.44 15.22 14.60
C LEU A 29 -2.87 16.16 15.66
N GLU A 30 -1.57 16.06 15.92
CA GLU A 30 -0.92 16.87 16.92
C GLU A 30 -1.11 18.38 16.77
N ASN A 31 -0.96 18.90 15.56
CA ASN A 31 -1.11 20.34 15.34
C ASN A 31 -2.50 20.73 14.86
N LEU A 32 -3.50 19.95 15.24
CA LEU A 32 -4.89 20.19 14.86
C LEU A 32 -5.38 21.62 15.12
N SER A 33 -5.05 22.15 16.28
CA SER A 33 -5.48 23.50 16.66
C SER A 33 -5.06 24.60 15.69
N ASN A 34 -4.06 24.33 14.87
CA ASN A 34 -3.59 25.34 13.91
C ASN A 34 -4.45 25.43 12.66
N HIS A 35 -5.31 24.44 12.45
CA HIS A 35 -6.17 24.42 11.26
C HIS A 35 -7.43 23.58 11.47
N SER A 36 -8.03 23.69 12.65
CA SER A 36 -9.23 22.90 12.95
C SER A 36 -10.45 23.13 12.06
N SER A 37 -10.65 24.35 11.56
CA SER A 37 -11.80 24.62 10.71
C SER A 37 -11.53 24.37 9.23
N LYS A 38 -10.29 24.00 8.91
CA LYS A 38 -9.88 23.73 7.54
C LYS A 38 -10.38 22.37 7.01
N PRO A 39 -10.68 22.28 5.71
CA PRO A 39 -11.15 21.01 5.14
C PRO A 39 -10.08 19.94 5.33
N CYS A 40 -10.50 18.75 5.74
CA CYS A 40 -9.58 17.64 5.95
C CYS A 40 -9.81 16.53 4.94
N LEU A 41 -11.03 16.00 4.93
CA LEU A 41 -11.39 14.94 4.00
C LEU A 41 -12.49 15.41 3.07
N ILE A 42 -12.21 15.35 1.77
CA ILE A 42 -13.17 15.76 0.76
C ILE A 42 -13.41 14.59 -0.18
N ASN A 43 -14.68 14.20 -0.35
CA ASN A 43 -14.99 13.12 -1.27
C ASN A 43 -15.27 13.80 -2.61
N GLY A 44 -14.33 13.65 -3.55
CA GLY A 44 -14.49 14.26 -4.86
C GLY A 44 -15.66 13.73 -5.66
N ALA A 45 -16.14 12.54 -5.32
CA ALA A 45 -17.25 11.94 -6.06
C ALA A 45 -18.63 12.49 -5.70
N ASN A 46 -18.84 12.82 -4.42
CA ASN A 46 -20.15 13.32 -4.01
C ASN A 46 -20.14 14.65 -3.25
N GLY A 47 -18.97 15.24 -3.06
CA GLY A 47 -18.89 16.52 -2.36
C GLY A 47 -18.84 16.48 -0.84
N ASP A 48 -18.95 15.30 -0.23
CA ASP A 48 -18.88 15.21 1.23
C ASP A 48 -17.60 15.84 1.74
N VAL A 49 -17.67 16.53 2.88
CA VAL A 49 -16.50 17.16 3.45
C VAL A 49 -16.48 17.11 4.97
N TYR A 50 -15.29 16.91 5.52
CA TYR A 50 -15.10 16.86 6.97
C TYR A 50 -13.92 17.78 7.29
N THR A 51 -14.11 18.69 8.24
CA THR A 51 -13.02 19.58 8.63
C THR A 51 -12.11 18.81 9.57
N TYR A 52 -10.95 19.37 9.87
CA TYR A 52 -10.05 18.69 10.79
C TYR A 52 -10.73 18.51 12.15
N ALA A 53 -11.49 19.52 12.57
CA ALA A 53 -12.20 19.42 13.85
C ALA A 53 -13.21 18.27 13.82
N ASP A 54 -13.92 18.15 12.69
CA ASP A 54 -14.92 17.10 12.53
C ASP A 54 -14.27 15.72 12.63
N VAL A 55 -13.12 15.57 11.99
CA VAL A 55 -12.40 14.31 11.98
C VAL A 55 -11.93 13.90 13.37
N GLU A 56 -11.34 14.84 14.10
CA GLU A 56 -10.83 14.57 15.44
C GLU A 56 -11.96 14.13 16.37
N LEU A 57 -13.09 14.83 16.30
CA LEU A 57 -14.24 14.51 17.14
C LEU A 57 -14.86 13.17 16.72
N THR A 58 -15.03 12.97 15.41
CA THR A 58 -15.63 11.74 14.93
C THR A 58 -14.78 10.51 15.24
N ALA A 59 -13.46 10.66 15.22
CA ALA A 59 -12.58 9.54 15.53
C ALA A 59 -12.86 9.07 16.96
N ARG A 60 -13.03 10.03 17.88
CA ARG A 60 -13.31 9.69 19.27
C ARG A 60 -14.68 9.05 19.41
N ARG A 61 -15.65 9.51 18.61
CA ARG A 61 -16.98 8.94 18.66
C ARG A 61 -16.90 7.49 18.17
N VAL A 62 -16.17 7.28 17.08
CA VAL A 62 -16.01 5.94 16.54
C VAL A 62 -15.41 5.00 17.59
N ALA A 63 -14.41 5.48 18.33
CA ALA A 63 -13.78 4.66 19.36
C ALA A 63 -14.83 4.29 20.41
N SER A 64 -15.66 5.26 20.77
CA SER A 64 -16.72 5.01 21.75
C SER A 64 -17.71 4.00 21.19
N GLY A 65 -18.05 4.16 19.91
CA GLY A 65 -18.99 3.24 19.27
C GLY A 65 -18.45 1.82 19.15
N LEU A 66 -17.17 1.69 18.85
CA LEU A 66 -16.54 0.37 18.74
C LEU A 66 -16.64 -0.35 20.07
N ASN A 67 -16.32 0.36 21.14
CA ASN A 67 -16.38 -0.24 22.47
C ASN A 67 -17.82 -0.67 22.78
N LYS A 68 -18.77 0.18 22.46
CA LYS A 68 -20.17 -0.12 22.69
C LYS A 68 -20.62 -1.43 22.05
N ILE A 69 -20.13 -1.72 20.86
CA ILE A 69 -20.52 -2.95 20.19
C ILE A 69 -19.62 -4.15 20.49
N GLY A 70 -18.76 -4.02 21.50
CA GLY A 70 -17.92 -5.14 21.88
C GLY A 70 -16.51 -5.22 21.33
N ILE A 71 -16.07 -4.22 20.58
CA ILE A 71 -14.71 -4.25 20.04
C ILE A 71 -13.77 -3.73 21.13
N GLN A 72 -12.78 -4.56 21.47
CA GLN A 72 -11.82 -4.25 22.52
C GLN A 72 -10.46 -3.84 21.99
N GLN A 73 -9.62 -3.32 22.88
CA GLN A 73 -8.27 -2.94 22.51
C GLN A 73 -7.59 -4.22 22.05
N GLY A 74 -6.84 -4.13 20.95
CA GLY A 74 -6.16 -5.31 20.43
C GLY A 74 -6.94 -6.09 19.40
N ASP A 75 -8.26 -5.85 19.31
CA ASP A 75 -9.09 -6.56 18.34
C ASP A 75 -8.84 -6.05 16.93
N VAL A 76 -9.00 -6.92 15.94
CA VAL A 76 -8.81 -6.56 14.55
C VAL A 76 -10.15 -6.22 13.89
N ILE A 77 -10.15 -5.13 13.13
CA ILE A 77 -11.32 -4.67 12.39
C ILE A 77 -10.93 -4.72 10.93
N MET A 78 -11.79 -5.28 10.08
CA MET A 78 -11.48 -5.39 8.67
C MET A 78 -12.31 -4.44 7.82
N LEU A 79 -11.65 -3.60 7.03
CA LEU A 79 -12.34 -2.69 6.15
C LEU A 79 -12.40 -3.31 4.75
N PHE A 80 -13.56 -3.17 4.11
CA PHE A 80 -13.78 -3.70 2.77
C PHE A 80 -14.45 -2.52 2.05
N LEU A 81 -13.71 -1.41 2.00
CA LEU A 81 -14.19 -0.15 1.43
C LEU A 81 -13.23 0.51 0.44
N PRO A 82 -13.76 1.37 -0.45
CA PRO A 82 -12.90 2.06 -1.40
C PRO A 82 -12.32 3.26 -0.65
N SER A 83 -11.32 3.92 -1.25
CA SER A 83 -10.74 5.10 -0.60
C SER A 83 -11.89 6.08 -0.37
N SER A 84 -12.00 6.61 0.84
CA SER A 84 -13.09 7.52 1.18
C SER A 84 -12.94 8.11 2.58
N PRO A 85 -13.76 9.14 2.90
CA PRO A 85 -13.70 9.76 4.23
C PRO A 85 -14.02 8.68 5.27
N GLU A 86 -14.99 7.84 4.96
CA GLU A 86 -15.40 6.77 5.87
C GLU A 86 -14.22 5.86 6.25
N PHE A 87 -13.40 5.51 5.26
CA PHE A 87 -12.24 4.66 5.51
C PHE A 87 -11.34 5.33 6.56
N VAL A 88 -11.03 6.61 6.33
CA VAL A 88 -10.17 7.36 7.24
C VAL A 88 -10.79 7.46 8.65
N LEU A 89 -12.08 7.74 8.72
CA LEU A 89 -12.75 7.87 10.01
C LEU A 89 -12.70 6.55 10.77
N ALA A 90 -12.92 5.44 10.06
CA ALA A 90 -12.88 4.13 10.69
C ALA A 90 -11.46 3.84 11.17
N PHE A 91 -10.47 4.16 10.34
CA PHE A 91 -9.08 3.92 10.70
C PHE A 91 -8.68 4.70 11.95
N LEU A 92 -8.95 6.01 11.94
CA LEU A 92 -8.60 6.85 13.08
C LEU A 92 -9.37 6.46 14.34
N GLY A 93 -10.63 6.06 14.17
CA GLY A 93 -11.42 5.65 15.32
C GLY A 93 -10.84 4.37 15.93
N ALA A 94 -10.45 3.44 15.08
CA ALA A 94 -9.88 2.18 15.54
C ALA A 94 -8.58 2.48 16.30
N SER A 95 -7.78 3.39 15.76
CA SER A 95 -6.51 3.77 16.39
C SER A 95 -6.77 4.31 17.80
N HIS A 96 -7.76 5.19 17.92
CA HIS A 96 -8.13 5.79 19.19
C HIS A 96 -8.58 4.74 20.20
N ARG A 97 -9.17 3.67 19.69
CA ARG A 97 -9.67 2.57 20.52
C ARG A 97 -8.57 1.60 20.94
N GLY A 98 -7.43 1.67 20.25
CA GLY A 98 -6.35 0.75 20.56
C GLY A 98 -6.57 -0.53 19.75
N ALA A 99 -7.43 -0.42 18.75
CA ALA A 99 -7.75 -1.55 17.88
C ALA A 99 -6.81 -1.57 16.68
N ILE A 100 -6.94 -2.60 15.85
CA ILE A 100 -6.10 -2.75 14.68
C ILE A 100 -6.93 -2.80 13.41
N ILE A 101 -6.42 -2.17 12.35
CA ILE A 101 -7.12 -2.15 11.08
C ILE A 101 -6.42 -2.98 10.01
N THR A 102 -7.19 -3.87 9.38
CA THR A 102 -6.67 -4.65 8.27
C THR A 102 -7.67 -4.27 7.17
N ALA A 103 -7.25 -4.30 5.91
CA ALA A 103 -8.17 -3.92 4.83
C ALA A 103 -7.92 -4.68 3.55
N ALA A 104 -8.99 -4.86 2.78
CA ALA A 104 -8.92 -5.57 1.52
C ALA A 104 -9.67 -4.80 0.43
N ASN A 105 -9.27 -5.04 -0.82
CA ASN A 105 -9.91 -4.41 -1.96
C ASN A 105 -11.38 -4.86 -1.98
N PRO A 106 -12.32 -3.91 -2.08
CA PRO A 106 -13.73 -4.29 -2.09
C PRO A 106 -14.12 -5.17 -3.28
N PHE A 107 -13.27 -5.21 -4.30
CA PHE A 107 -13.53 -6.04 -5.48
C PHE A 107 -13.02 -7.47 -5.31
N SER A 108 -12.59 -7.80 -4.09
CA SER A 108 -12.10 -9.15 -3.79
C SER A 108 -13.27 -10.13 -3.85
N THR A 109 -12.96 -11.39 -4.13
CA THR A 109 -13.98 -12.43 -4.23
C THR A 109 -14.41 -12.89 -2.85
N PRO A 110 -15.54 -13.62 -2.77
CA PRO A 110 -16.01 -14.12 -1.47
C PRO A 110 -14.96 -15.02 -0.81
N ALA A 111 -14.23 -15.77 -1.63
CA ALA A 111 -13.20 -16.66 -1.11
C ALA A 111 -12.04 -15.86 -0.49
N GLU A 112 -11.62 -14.81 -1.19
CA GLU A 112 -10.52 -13.98 -0.70
C GLU A 112 -10.91 -13.24 0.57
N LEU A 113 -12.13 -12.70 0.60
CA LEU A 113 -12.63 -11.98 1.76
C LEU A 113 -12.69 -12.85 3.01
N ALA A 114 -13.19 -14.08 2.86
CA ALA A 114 -13.29 -15.00 4.00
C ALA A 114 -11.91 -15.39 4.50
N LYS A 115 -11.01 -15.71 3.58
CA LYS A 115 -9.66 -16.09 3.95
C LYS A 115 -8.98 -14.94 4.71
N HIS A 116 -9.19 -13.72 4.23
CA HIS A 116 -8.59 -12.54 4.84
C HIS A 116 -9.14 -12.34 6.26
N ALA A 117 -10.46 -12.41 6.40
CA ALA A 117 -11.09 -12.24 7.70
C ALA A 117 -10.63 -13.29 8.69
N LYS A 118 -10.53 -14.54 8.23
CA LYS A 118 -10.12 -15.64 9.10
C LYS A 118 -8.66 -15.55 9.53
N ALA A 119 -7.78 -15.27 8.58
CA ALA A 119 -6.36 -15.17 8.88
C ALA A 119 -6.04 -14.01 9.82
N SER A 120 -6.75 -12.90 9.65
CA SER A 120 -6.52 -11.72 10.48
C SER A 120 -7.32 -11.74 11.79
N ARG A 121 -8.23 -12.69 11.91
CA ARG A 121 -9.10 -12.81 13.09
C ARG A 121 -9.96 -11.57 13.28
N ALA A 122 -10.44 -11.01 12.17
CA ALA A 122 -11.27 -9.81 12.22
C ALA A 122 -12.54 -10.06 13.05
N LYS A 123 -12.88 -9.12 13.92
CA LYS A 123 -14.06 -9.23 14.77
C LYS A 123 -15.20 -8.38 14.20
N LEU A 124 -14.86 -7.50 13.27
CA LEU A 124 -15.84 -6.61 12.64
C LEU A 124 -15.42 -6.34 11.20
N LEU A 125 -16.39 -6.36 10.29
CA LEU A 125 -16.14 -6.08 8.87
C LEU A 125 -16.98 -4.85 8.50
N ILE A 126 -16.34 -3.84 7.90
CA ILE A 126 -17.06 -2.64 7.50
C ILE A 126 -16.98 -2.51 5.99
N THR A 127 -18.13 -2.40 5.33
CA THR A 127 -18.15 -2.30 3.88
C THR A 127 -19.34 -1.48 3.39
N GLN A 128 -19.63 -1.59 2.10
CA GLN A 128 -20.77 -0.93 1.46
C GLN A 128 -21.77 -2.01 1.11
N ALA A 129 -23.06 -1.65 1.06
CA ALA A 129 -24.11 -2.61 0.76
C ALA A 129 -23.93 -3.36 -0.57
N CYS A 130 -23.35 -2.72 -1.57
CA CYS A 130 -23.16 -3.37 -2.86
C CYS A 130 -22.15 -4.52 -2.80
N TYR A 131 -21.40 -4.61 -1.71
CA TYR A 131 -20.41 -5.67 -1.55
C TYR A 131 -20.81 -6.69 -0.50
N TYR A 132 -21.87 -6.38 0.25
CA TYR A 132 -22.34 -7.26 1.30
C TYR A 132 -22.63 -8.71 0.90
N GLU A 133 -23.16 -8.91 -0.31
CA GLU A 133 -23.48 -10.25 -0.77
C GLU A 133 -22.27 -11.18 -0.75
N LYS A 134 -21.09 -10.61 -0.95
CA LYS A 134 -19.86 -11.40 -0.98
C LYS A 134 -19.37 -11.82 0.41
N VAL A 135 -19.96 -11.26 1.46
CA VAL A 135 -19.57 -11.59 2.82
C VAL A 135 -20.73 -12.23 3.59
N LYS A 136 -21.91 -12.21 2.98
CA LYS A 136 -23.11 -12.77 3.61
C LYS A 136 -22.92 -14.17 4.15
N ASP A 137 -22.58 -15.12 3.28
CA ASP A 137 -22.37 -16.51 3.69
C ASP A 137 -21.40 -16.61 4.86
N PHE A 138 -20.23 -16.00 4.70
CA PHE A 138 -19.20 -16.02 5.74
C PHE A 138 -19.72 -15.40 7.03
N ALA A 139 -20.32 -14.21 6.90
CA ALA A 139 -20.85 -13.49 8.05
C ALA A 139 -21.69 -14.40 8.94
N ARG A 140 -22.87 -14.77 8.46
CA ARG A 140 -23.77 -15.64 9.21
C ARG A 140 -23.23 -17.06 9.15
N GLU A 141 -22.05 -17.27 9.74
CA GLU A 141 -21.42 -18.58 9.74
C GLU A 141 -20.14 -18.54 10.58
N SER A 142 -19.63 -17.34 10.83
CA SER A 142 -18.40 -17.17 11.61
C SER A 142 -18.59 -16.28 12.83
N ASP A 143 -19.80 -15.78 13.02
CA ASP A 143 -20.11 -14.92 14.17
C ASP A 143 -19.37 -13.59 14.15
N VAL A 144 -18.97 -13.14 12.97
CA VAL A 144 -18.28 -11.86 12.84
C VAL A 144 -19.33 -10.79 12.56
N LYS A 145 -19.19 -9.63 13.18
CA LYS A 145 -20.16 -8.56 12.98
C LYS A 145 -19.89 -7.88 11.64
N VAL A 146 -20.95 -7.56 10.91
CA VAL A 146 -20.83 -6.90 9.61
C VAL A 146 -21.54 -5.55 9.69
N MET A 147 -20.89 -4.52 9.15
CA MET A 147 -21.43 -3.16 9.20
C MET A 147 -21.35 -2.52 7.84
N CYS A 148 -22.37 -1.74 7.48
CA CYS A 148 -22.38 -1.05 6.19
C CYS A 148 -22.50 0.45 6.37
N VAL A 149 -21.92 1.21 5.45
CA VAL A 149 -21.94 2.67 5.55
C VAL A 149 -23.17 3.33 4.93
N ASP A 150 -23.79 2.65 3.97
CA ASP A 150 -24.98 3.19 3.31
C ASP A 150 -26.25 2.52 3.81
N SER A 151 -26.78 1.54 3.08
CA SER A 151 -27.97 0.85 3.59
C SER A 151 -27.44 -0.26 4.50
N ALA A 152 -28.31 -0.88 5.27
CA ALA A 152 -27.90 -1.95 6.18
C ALA A 152 -28.68 -3.23 5.90
N PRO A 153 -28.30 -3.97 4.84
CA PRO A 153 -28.97 -5.22 4.46
C PRO A 153 -28.94 -6.27 5.55
N ASP A 154 -29.98 -7.11 5.57
CA ASP A 154 -30.10 -8.15 6.58
C ASP A 154 -30.09 -7.53 7.97
N GLY A 155 -29.34 -8.12 8.89
CA GLY A 155 -29.27 -7.58 10.23
C GLY A 155 -27.93 -6.94 10.52
N CYS A 156 -27.27 -6.43 9.49
CA CYS A 156 -25.96 -5.81 9.70
C CYS A 156 -26.10 -4.45 10.37
N LEU A 157 -25.03 -4.02 11.02
CA LEU A 157 -25.00 -2.74 11.71
C LEU A 157 -24.81 -1.62 10.70
N HIS A 158 -24.99 -0.38 11.15
CA HIS A 158 -24.81 0.77 10.29
C HIS A 158 -23.64 1.58 10.85
N PHE A 159 -22.84 2.16 9.96
CA PHE A 159 -21.65 2.93 10.36
C PHE A 159 -21.95 4.12 11.27
N SER A 160 -23.19 4.63 11.23
CA SER A 160 -23.55 5.77 12.08
C SER A 160 -23.52 5.35 13.55
N GLU A 161 -23.60 4.05 13.81
CA GLU A 161 -23.55 3.58 15.19
C GLU A 161 -22.18 3.89 15.77
N LEU A 162 -21.21 4.15 14.88
CA LEU A 162 -19.87 4.50 15.31
C LEU A 162 -19.64 6.00 15.22
N THR A 163 -19.91 6.58 14.06
CA THR A 163 -19.69 8.01 13.87
C THR A 163 -20.56 8.91 14.73
N GLN A 164 -21.71 8.41 15.15
CA GLN A 164 -22.63 9.22 15.96
C GLN A 164 -22.69 8.79 17.44
N ALA A 165 -21.72 7.98 17.87
CA ALA A 165 -21.69 7.53 19.25
C ALA A 165 -21.27 8.69 20.16
N ASP A 166 -21.48 8.55 21.46
CA ASP A 166 -21.14 9.59 22.42
C ASP A 166 -19.64 9.60 22.72
N GLU A 167 -18.95 10.66 22.31
CA GLU A 167 -17.51 10.76 22.53
C GLU A 167 -17.16 10.70 24.02
N ASN A 168 -18.10 11.12 24.87
CA ASN A 168 -17.88 11.11 26.31
C ASN A 168 -17.77 9.69 26.86
N GLU A 169 -18.16 8.72 26.04
CA GLU A 169 -18.10 7.32 26.44
C GLU A 169 -16.90 6.60 25.84
N ALA A 170 -16.05 7.35 25.15
CA ALA A 170 -14.87 6.75 24.54
C ALA A 170 -14.05 6.12 25.67
N PRO A 171 -13.70 4.84 25.54
CA PRO A 171 -12.93 4.21 26.61
C PRO A 171 -11.54 4.82 26.80
N GLN A 172 -11.09 4.84 28.05
CA GLN A 172 -9.78 5.36 28.37
C GLN A 172 -8.83 4.23 28.01
N VAL A 173 -7.94 4.47 27.07
CA VAL A 173 -7.01 3.44 26.64
C VAL A 173 -5.56 3.86 26.75
N ASP A 174 -4.71 2.93 27.14
CA ASP A 174 -3.28 3.19 27.25
C ASP A 174 -2.64 2.46 26.08
N ILE A 175 -2.20 3.23 25.09
CA ILE A 175 -1.61 2.66 23.89
C ILE A 175 -0.09 2.78 23.89
N SER A 176 0.58 1.66 23.68
CA SER A 176 2.03 1.64 23.64
C SER A 176 2.45 1.94 22.20
N PRO A 177 3.56 2.67 22.01
CA PRO A 177 4.00 2.96 20.65
C PRO A 177 4.35 1.65 19.93
N ASP A 178 4.64 0.61 20.70
CA ASP A 178 4.97 -0.68 20.12
C ASP A 178 3.75 -1.57 19.82
N ASP A 179 2.55 -1.06 20.09
CA ASP A 179 1.33 -1.81 19.81
C ASP A 179 1.08 -1.78 18.30
N VAL A 180 0.56 -2.87 17.75
CA VAL A 180 0.25 -2.93 16.33
C VAL A 180 -1.01 -2.11 16.07
N VAL A 181 -1.07 -1.41 14.93
CA VAL A 181 -2.23 -0.61 14.59
C VAL A 181 -2.75 -0.91 13.18
N ALA A 182 -1.87 -1.35 12.29
CA ALA A 182 -2.27 -1.66 10.93
C ALA A 182 -1.76 -3.03 10.53
N LEU A 183 -2.57 -3.75 9.76
CA LEU A 183 -2.20 -5.10 9.32
C LEU A 183 -2.40 -5.30 7.82
N PRO A 184 -1.63 -4.58 7.00
CA PRO A 184 -1.76 -4.73 5.54
C PRO A 184 -1.18 -6.08 5.13
N TYR A 185 -1.72 -6.70 4.09
CA TYR A 185 -1.19 -7.99 3.65
C TYR A 185 -0.20 -7.82 2.52
N SER A 186 0.83 -8.66 2.53
CA SER A 186 1.89 -8.63 1.54
C SER A 186 2.58 -10.00 1.43
N SER A 187 3.05 -10.36 0.24
CA SER A 187 3.71 -11.64 0.05
C SER A 187 5.21 -11.55 0.35
N GLY A 188 5.72 -10.33 0.49
CA GLY A 188 7.13 -10.16 0.80
C GLY A 188 8.11 -10.63 -0.25
N THR A 189 9.20 -11.26 0.20
CA THR A 189 10.24 -11.72 -0.72
C THR A 189 10.03 -13.11 -1.28
N THR A 190 9.01 -13.81 -0.81
CA THR A 190 8.71 -15.14 -1.30
C THR A 190 7.48 -15.72 -0.61
N GLY A 191 6.80 -16.62 -1.29
CA GLY A 191 5.64 -17.26 -0.69
C GLY A 191 4.29 -16.59 -0.84
N LEU A 192 3.41 -16.95 0.09
CA LEU A 192 2.03 -16.48 0.12
C LEU A 192 1.83 -15.16 0.84
N PRO A 193 0.66 -14.54 0.62
CA PRO A 193 0.35 -13.26 1.28
C PRO A 193 0.41 -13.48 2.79
N LYS A 194 0.98 -12.52 3.50
CA LYS A 194 1.13 -12.59 4.95
C LYS A 194 0.68 -11.26 5.56
N GLY A 195 0.26 -11.30 6.82
CA GLY A 195 -0.16 -10.09 7.50
C GLY A 195 1.07 -9.36 8.02
N VAL A 196 1.25 -8.11 7.59
CA VAL A 196 2.39 -7.31 8.03
C VAL A 196 1.98 -6.48 9.25
N MET A 197 2.64 -6.71 10.38
CA MET A 197 2.33 -5.99 11.60
C MET A 197 3.06 -4.66 11.65
N LEU A 198 2.31 -3.56 11.48
CA LEU A 198 2.88 -2.22 11.55
C LEU A 198 2.41 -1.58 12.85
N THR A 199 3.36 -1.03 13.61
CA THR A 199 3.05 -0.41 14.90
C THR A 199 2.83 1.09 14.83
N HIS A 200 2.32 1.64 15.93
CA HIS A 200 2.11 3.08 16.02
C HIS A 200 3.45 3.77 15.79
N LYS A 201 4.48 3.30 16.49
CA LYS A 201 5.81 3.89 16.37
C LYS A 201 6.39 3.77 14.97
N GLY A 202 6.18 2.63 14.33
CA GLY A 202 6.71 2.44 12.98
C GLY A 202 6.10 3.39 11.96
N LEU A 203 4.78 3.51 11.98
CA LEU A 203 4.10 4.39 11.03
C LEU A 203 4.42 5.85 11.33
N ILE A 204 4.51 6.20 12.61
CA ILE A 204 4.85 7.56 13.00
C ILE A 204 6.24 7.87 12.43
N THR A 205 7.17 6.95 12.62
CA THR A 205 8.53 7.16 12.13
C THR A 205 8.56 7.37 10.62
N SER A 206 7.84 6.53 9.88
CA SER A 206 7.80 6.67 8.42
C SER A 206 7.19 7.98 7.97
N VAL A 207 6.10 8.39 8.61
CA VAL A 207 5.45 9.65 8.26
C VAL A 207 6.41 10.81 8.55
N ALA A 208 7.02 10.80 9.73
CA ALA A 208 7.95 11.84 10.12
C ALA A 208 9.13 11.93 9.14
N GLN A 209 9.65 10.77 8.73
CA GLN A 209 10.77 10.73 7.78
C GLN A 209 10.43 11.44 6.49
N GLN A 210 9.15 11.43 6.13
CA GLN A 210 8.72 12.08 4.89
C GLN A 210 8.38 13.56 5.04
N VAL A 211 7.54 13.90 6.00
CA VAL A 211 7.08 15.28 6.13
C VAL A 211 7.53 16.19 7.29
N ASP A 212 8.24 15.66 8.27
CA ASP A 212 8.69 16.50 9.39
C ASP A 212 10.10 17.06 9.17
N GLY A 213 10.52 17.96 10.06
CA GLY A 213 11.84 18.56 9.96
C GLY A 213 11.84 19.96 9.37
N ASP A 214 12.90 20.72 9.62
CA ASP A 214 13.00 22.07 9.08
C ASP A 214 13.01 22.00 7.55
N ASN A 215 13.67 20.98 7.01
CA ASN A 215 13.69 20.78 5.57
C ASN A 215 13.13 19.38 5.32
N PRO A 216 11.80 19.26 5.25
CA PRO A 216 11.17 17.97 5.00
C PRO A 216 11.54 17.38 3.65
N ASN A 217 11.65 16.06 3.59
CA ASN A 217 12.00 15.34 2.37
C ASN A 217 10.85 15.50 1.37
N LEU A 218 9.64 15.54 1.89
CA LEU A 218 8.42 15.69 1.08
C LEU A 218 7.70 16.89 1.63
N TYR A 219 7.94 18.05 1.02
CA TYR A 219 7.36 19.30 1.46
C TYR A 219 5.92 19.58 1.02
N PHE A 220 5.01 19.61 2.00
CA PHE A 220 3.60 19.92 1.77
C PHE A 220 3.30 21.15 2.62
N HIS A 221 2.85 22.23 1.99
CA HIS A 221 2.55 23.45 2.74
C HIS A 221 1.05 23.73 2.90
N SER A 222 0.75 24.83 3.59
CA SER A 222 -0.63 25.23 3.89
C SER A 222 -1.59 25.29 2.71
N GLU A 223 -1.14 25.83 1.58
CA GLU A 223 -2.01 25.95 0.41
C GLU A 223 -2.12 24.70 -0.46
N ASP A 224 -1.44 23.62 -0.09
CA ASP A 224 -1.51 22.40 -0.89
C ASP A 224 -2.82 21.62 -0.71
N VAL A 225 -3.16 20.87 -1.74
CA VAL A 225 -4.34 20.01 -1.73
C VAL A 225 -3.83 18.71 -2.31
N ILE A 226 -3.90 17.64 -1.51
CA ILE A 226 -3.39 16.34 -1.92
C ILE A 226 -4.44 15.41 -2.51
N LEU A 227 -4.14 14.89 -3.69
CA LEU A 227 -5.03 13.97 -4.39
C LEU A 227 -4.88 12.54 -3.91
N CYS A 228 -6.00 11.85 -3.70
CA CYS A 228 -5.96 10.45 -3.30
C CYS A 228 -6.81 9.64 -4.28
N VAL A 229 -6.16 9.16 -5.33
CA VAL A 229 -6.83 8.34 -6.34
C VAL A 229 -6.32 6.90 -6.16
N LEU A 230 -5.36 6.72 -5.25
CA LEU A 230 -4.81 5.41 -4.96
C LEU A 230 -5.61 4.78 -3.82
N PRO A 231 -5.64 3.43 -3.75
CA PRO A 231 -6.37 2.69 -2.72
C PRO A 231 -5.83 2.77 -1.30
N MET A 232 -6.68 3.24 -0.38
CA MET A 232 -6.27 3.36 1.01
C MET A 232 -6.05 2.01 1.68
N PHE A 233 -6.57 0.94 1.08
CA PHE A 233 -6.40 -0.38 1.68
C PHE A 233 -5.00 -0.93 1.43
N HIS A 234 -4.18 -0.15 0.73
CA HIS A 234 -2.80 -0.54 0.49
C HIS A 234 -1.90 0.54 1.10
N ILE A 235 -0.70 0.15 1.48
CA ILE A 235 0.26 1.01 2.17
C ILE A 235 0.67 2.36 1.57
N TYR A 236 0.78 2.44 0.24
CA TYR A 236 1.16 3.70 -0.40
C TYR A 236 0.20 4.82 0.02
N ALA A 237 -1.08 4.66 -0.32
CA ALA A 237 -2.07 5.67 0.02
C ALA A 237 -2.28 5.83 1.53
N LEU A 238 -2.29 4.71 2.25
CA LEU A 238 -2.49 4.78 3.70
C LEU A 238 -1.47 5.68 4.38
N ASN A 239 -0.20 5.47 4.08
CA ASN A 239 0.86 6.24 4.71
C ASN A 239 1.18 7.59 4.05
N SER A 240 1.72 7.52 2.83
CA SER A 240 2.15 8.72 2.12
C SER A 240 1.07 9.72 1.75
N ILE A 241 -0.20 9.29 1.70
CA ILE A 241 -1.26 10.22 1.36
C ILE A 241 -2.11 10.54 2.58
N MET A 242 -2.77 9.53 3.14
CA MET A 242 -3.65 9.72 4.30
C MET A 242 -2.92 10.23 5.56
N LEU A 243 -2.00 9.43 6.08
CA LEU A 243 -1.30 9.83 7.29
C LEU A 243 -0.42 11.06 7.10
N CYS A 244 0.32 11.12 6.00
CA CYS A 244 1.18 12.30 5.77
C CYS A 244 0.34 13.55 5.57
N GLY A 245 -0.78 13.42 4.87
CA GLY A 245 -1.65 14.57 4.64
C GLY A 245 -2.18 15.13 5.95
N LEU A 246 -2.66 14.23 6.81
CA LEU A 246 -3.20 14.62 8.09
C LEU A 246 -2.14 15.32 8.93
N ARG A 247 -0.94 14.75 8.97
CA ARG A 247 0.15 15.32 9.75
C ARG A 247 0.46 16.76 9.39
N VAL A 248 0.45 17.10 8.10
CA VAL A 248 0.76 18.46 7.68
C VAL A 248 -0.44 19.39 7.65
N GLY A 249 -1.63 18.85 7.92
CA GLY A 249 -2.83 19.66 7.93
C GLY A 249 -3.35 20.05 6.56
N ALA A 250 -3.10 19.22 5.56
CA ALA A 250 -3.57 19.53 4.22
C ALA A 250 -4.89 18.83 3.92
N PRO A 251 -5.70 19.42 3.03
CA PRO A 251 -6.96 18.78 2.69
C PRO A 251 -6.65 17.65 1.71
N ILE A 252 -7.34 16.53 1.89
CA ILE A 252 -7.14 15.35 1.03
C ILE A 252 -8.37 15.19 0.15
N LEU A 253 -8.17 15.34 -1.17
CA LEU A 253 -9.25 15.18 -2.13
C LEU A 253 -9.28 13.72 -2.57
N ILE A 254 -10.28 13.00 -2.10
CA ILE A 254 -10.40 11.57 -2.38
C ILE A 254 -11.29 11.20 -3.56
N MET A 255 -10.79 10.29 -4.39
CA MET A 255 -11.54 9.78 -5.54
C MET A 255 -11.72 8.28 -5.34
N PRO A 256 -12.92 7.84 -4.93
CA PRO A 256 -13.23 6.43 -4.70
C PRO A 256 -13.01 5.56 -5.94
N LYS A 257 -13.19 6.15 -7.11
CA LYS A 257 -13.02 5.45 -8.38
C LYS A 257 -12.27 6.33 -9.38
N PHE A 258 -11.21 5.79 -9.95
CA PHE A 258 -10.41 6.54 -10.92
C PHE A 258 -11.10 6.67 -12.27
N GLU A 259 -11.24 7.90 -12.75
CA GLU A 259 -11.86 8.21 -14.04
C GLU A 259 -11.14 9.47 -14.52
N ILE A 260 -10.45 9.37 -15.65
CA ILE A 260 -9.70 10.50 -16.20
C ILE A 260 -10.47 11.80 -16.31
N GLY A 261 -11.61 11.76 -17.00
CA GLY A 261 -12.41 12.96 -17.15
C GLY A 261 -12.74 13.66 -15.85
N SER A 262 -13.22 12.89 -14.88
CA SER A 262 -13.58 13.42 -13.57
C SER A 262 -12.36 13.98 -12.85
N LEU A 263 -11.26 13.24 -12.88
CA LEU A 263 -10.04 13.67 -12.20
C LEU A 263 -9.57 15.04 -12.68
N LEU A 264 -9.54 15.24 -13.99
CA LEU A 264 -9.10 16.52 -14.53
C LEU A 264 -9.99 17.66 -14.04
N GLY A 265 -11.30 17.42 -14.02
CA GLY A 265 -12.21 18.45 -13.55
C GLY A 265 -12.00 18.72 -12.07
N LEU A 266 -11.75 17.67 -11.30
CA LEU A 266 -11.54 17.83 -9.86
C LEU A 266 -10.26 18.60 -9.56
N ILE A 267 -9.22 18.39 -10.37
CA ILE A 267 -7.96 19.09 -10.16
C ILE A 267 -8.18 20.60 -10.29
N GLU A 268 -8.98 21.01 -11.27
CA GLU A 268 -9.25 22.44 -11.46
C GLU A 268 -10.16 22.97 -10.36
N LYS A 269 -11.26 22.27 -10.12
CA LYS A 269 -12.23 22.69 -9.11
C LYS A 269 -11.61 22.86 -7.73
N TYR A 270 -10.88 21.86 -7.26
CA TYR A 270 -10.27 21.91 -5.94
C TYR A 270 -8.83 22.42 -5.87
N LYS A 271 -8.27 22.78 -7.02
CA LYS A 271 -6.90 23.27 -7.08
C LYS A 271 -5.91 22.26 -6.49
N VAL A 272 -6.04 21.00 -6.91
CA VAL A 272 -5.15 19.94 -6.45
C VAL A 272 -3.73 20.35 -6.83
N SER A 273 -2.81 20.24 -5.88
CA SER A 273 -1.42 20.61 -6.13
C SER A 273 -0.44 19.44 -6.04
N ILE A 274 -0.82 18.39 -5.31
CA ILE A 274 0.03 17.22 -5.15
C ILE A 274 -0.68 15.99 -5.74
N ALA A 275 0.00 15.29 -6.63
CA ALA A 275 -0.59 14.10 -7.24
C ALA A 275 0.25 12.83 -7.05
N PRO A 276 0.02 12.11 -5.94
CA PRO A 276 0.77 10.87 -5.69
C PRO A 276 0.14 9.82 -6.60
N VAL A 277 0.92 9.25 -7.51
CA VAL A 277 0.36 8.26 -8.41
C VAL A 277 1.25 7.04 -8.60
N VAL A 278 0.80 6.16 -9.50
CA VAL A 278 1.54 4.96 -9.86
C VAL A 278 1.63 5.02 -11.38
N PRO A 279 2.61 4.33 -11.98
CA PRO A 279 2.78 4.35 -13.43
C PRO A 279 1.53 4.17 -14.30
N PRO A 280 0.67 3.18 -13.98
CA PRO A 280 -0.54 2.95 -14.76
C PRO A 280 -1.44 4.19 -14.82
N VAL A 281 -1.64 4.83 -13.67
CA VAL A 281 -2.46 6.03 -13.58
C VAL A 281 -1.82 7.16 -14.38
N MET A 282 -0.51 7.29 -14.23
CA MET A 282 0.23 8.32 -14.93
C MET A 282 0.06 8.19 -16.44
N MET A 283 0.14 6.96 -16.93
CA MET A 283 -0.01 6.71 -18.36
C MET A 283 -1.40 7.09 -18.85
N SER A 284 -2.42 6.77 -18.07
CA SER A 284 -3.80 7.09 -18.44
C SER A 284 -3.97 8.59 -18.56
N ILE A 285 -3.43 9.32 -17.58
CA ILE A 285 -3.51 10.77 -17.58
C ILE A 285 -2.79 11.33 -18.80
N ALA A 286 -1.60 10.79 -19.08
CA ALA A 286 -0.79 11.22 -20.21
C ALA A 286 -1.48 11.02 -21.55
N LYS A 287 -2.19 9.90 -21.70
CA LYS A 287 -2.89 9.60 -22.94
C LYS A 287 -4.18 10.40 -23.12
N SER A 288 -4.54 11.17 -22.10
CA SER A 288 -5.76 11.98 -22.16
C SER A 288 -5.71 13.07 -23.21
N PRO A 289 -6.77 13.19 -24.02
CA PRO A 289 -6.84 14.21 -25.07
C PRO A 289 -7.55 15.47 -24.57
N ASP A 290 -7.94 15.46 -23.30
CA ASP A 290 -8.65 16.59 -22.71
C ASP A 290 -7.84 17.46 -21.75
N LEU A 291 -6.52 17.37 -21.79
CA LEU A 291 -5.70 18.17 -20.88
C LEU A 291 -5.89 19.67 -21.11
N ASP A 292 -6.22 20.04 -22.33
CA ASP A 292 -6.40 21.45 -22.68
C ASP A 292 -7.80 21.99 -22.35
N LYS A 293 -8.67 21.10 -21.88
CA LYS A 293 -10.04 21.50 -21.54
C LYS A 293 -10.17 21.84 -20.05
N HIS A 294 -9.07 21.77 -19.33
CA HIS A 294 -9.07 22.05 -17.90
C HIS A 294 -7.84 22.84 -17.49
N ASP A 295 -7.99 23.67 -16.46
CA ASP A 295 -6.88 24.45 -15.95
C ASP A 295 -6.19 23.57 -14.90
N LEU A 296 -5.04 23.02 -15.26
CA LEU A 296 -4.31 22.15 -14.35
C LEU A 296 -3.07 22.86 -13.79
N SER A 297 -3.09 24.18 -13.81
CA SER A 297 -1.97 24.97 -13.33
C SER A 297 -1.66 24.83 -11.85
N SER A 298 -2.60 24.33 -11.06
CA SER A 298 -2.39 24.15 -9.63
C SER A 298 -1.44 22.98 -9.31
N LEU A 299 -1.32 22.04 -10.23
CA LEU A 299 -0.43 20.88 -10.01
C LEU A 299 1.02 21.35 -9.92
N ARG A 300 1.70 21.02 -8.83
CA ARG A 300 3.09 21.42 -8.68
C ARG A 300 3.99 20.22 -8.40
N MET A 301 3.38 19.08 -8.10
CA MET A 301 4.16 17.88 -7.81
C MET A 301 3.47 16.60 -8.24
N ILE A 302 4.21 15.76 -8.97
CA ILE A 302 3.69 14.47 -9.41
C ILE A 302 4.69 13.44 -8.88
N LYS A 303 4.22 12.57 -8.00
CA LYS A 303 5.08 11.55 -7.43
C LYS A 303 4.66 10.17 -7.90
N SER A 304 5.60 9.43 -8.46
CA SER A 304 5.31 8.08 -8.91
C SER A 304 6.00 7.10 -7.97
N GLY A 305 5.34 6.01 -7.65
CA GLY A 305 5.93 4.99 -6.80
C GLY A 305 5.20 3.68 -6.95
N GLY A 306 5.71 2.65 -6.27
CA GLY A 306 5.06 1.34 -6.32
C GLY A 306 5.47 0.38 -7.42
N ALA A 307 6.07 0.91 -8.48
CA ALA A 307 6.50 0.07 -9.59
C ALA A 307 7.49 0.84 -10.44
N PRO A 308 8.24 0.14 -11.31
CA PRO A 308 9.21 0.79 -12.18
C PRO A 308 8.58 1.85 -13.07
N LEU A 309 9.30 2.95 -13.28
CA LEU A 309 8.82 4.02 -14.14
C LEU A 309 9.79 4.05 -15.32
N GLY A 310 9.30 3.71 -16.51
CA GLY A 310 10.16 3.69 -17.68
C GLY A 310 10.58 5.08 -18.14
N LYS A 311 11.68 5.16 -18.88
CA LYS A 311 12.18 6.44 -19.38
C LYS A 311 11.17 7.15 -20.29
N GLU A 312 10.54 6.41 -21.20
CA GLU A 312 9.58 6.99 -22.10
C GLU A 312 8.39 7.64 -21.39
N LEU A 313 7.85 6.94 -20.39
CA LEU A 313 6.71 7.48 -19.64
C LEU A 313 7.17 8.67 -18.81
N GLU A 314 8.38 8.59 -18.26
CA GLU A 314 8.94 9.67 -17.47
C GLU A 314 9.06 10.92 -18.35
N ASP A 315 9.60 10.74 -19.56
CA ASP A 315 9.75 11.87 -20.48
C ASP A 315 8.39 12.44 -20.89
N THR A 316 7.43 11.56 -21.14
CA THR A 316 6.10 12.00 -21.54
C THR A 316 5.46 12.88 -20.47
N VAL A 317 5.51 12.43 -19.23
CA VAL A 317 4.93 13.18 -18.12
C VAL A 317 5.60 14.54 -17.92
N ARG A 318 6.92 14.58 -17.98
CA ARG A 318 7.60 15.86 -17.80
C ARG A 318 7.19 16.84 -18.91
N ALA A 319 6.92 16.30 -20.09
CA ALA A 319 6.52 17.12 -21.22
C ALA A 319 5.06 17.58 -21.15
N LYS A 320 4.19 16.71 -20.65
CA LYS A 320 2.77 17.05 -20.55
C LYS A 320 2.39 17.82 -19.29
N PHE A 321 3.25 17.78 -18.28
CA PHE A 321 2.99 18.49 -17.03
C PHE A 321 4.19 19.30 -16.59
N PRO A 322 4.65 20.23 -17.45
CA PRO A 322 5.80 21.09 -17.18
C PRO A 322 5.61 22.00 -15.97
N GLN A 323 4.37 22.19 -15.55
CA GLN A 323 4.10 23.06 -14.41
C GLN A 323 4.39 22.33 -13.09
N ALA A 324 4.71 21.05 -13.17
CA ALA A 324 4.98 20.27 -11.97
C ALA A 324 6.35 19.59 -11.92
N ARG A 325 6.83 19.37 -10.71
CA ARG A 325 8.10 18.68 -10.52
C ARG A 325 7.76 17.20 -10.46
N LEU A 326 8.41 16.41 -11.31
CA LEU A 326 8.16 14.96 -11.33
C LEU A 326 9.26 14.24 -10.55
N GLY A 327 8.86 13.27 -9.74
CA GLY A 327 9.83 12.53 -8.96
C GLY A 327 9.27 11.19 -8.51
N GLN A 328 10.12 10.37 -7.90
CA GLN A 328 9.71 9.05 -7.44
C GLN A 328 9.86 8.83 -5.94
N GLY A 329 9.17 7.81 -5.46
CA GLY A 329 9.23 7.42 -4.08
C GLY A 329 9.37 5.92 -4.17
N TYR A 330 10.20 5.32 -3.32
CA TYR A 330 10.40 3.87 -3.33
C TYR A 330 10.00 3.32 -1.97
N GLY A 331 9.04 2.39 -1.99
CA GLY A 331 8.57 1.79 -0.75
C GLY A 331 8.22 0.32 -0.85
N MET A 332 8.06 -0.30 0.31
CA MET A 332 7.72 -1.71 0.41
C MET A 332 6.91 -1.83 1.71
N THR A 333 5.79 -2.54 1.66
CA THR A 333 4.93 -2.68 2.83
C THR A 333 5.69 -2.98 4.12
N GLU A 334 6.53 -4.00 4.10
CA GLU A 334 7.31 -4.38 5.27
C GLU A 334 8.29 -3.30 5.74
N ALA A 335 8.56 -2.32 4.88
CA ALA A 335 9.49 -1.24 5.21
C ALA A 335 8.85 -0.05 5.89
N GLY A 336 7.52 -0.09 6.05
CA GLY A 336 6.84 0.99 6.75
C GLY A 336 6.01 2.08 6.08
N PRO A 337 6.04 2.26 4.74
CA PRO A 337 6.75 1.55 3.68
C PRO A 337 7.90 2.27 2.96
N VAL A 338 8.03 3.57 3.16
CA VAL A 338 9.05 4.31 2.42
C VAL A 338 10.52 4.08 2.75
N LEU A 339 11.29 3.69 1.72
CA LEU A 339 12.72 3.47 1.88
C LEU A 339 13.49 4.66 1.35
N ALA A 340 13.05 5.21 0.22
CA ALA A 340 13.72 6.35 -0.40
C ALA A 340 12.71 7.33 -0.98
N MET A 341 13.06 8.61 -0.98
CA MET A 341 12.16 9.64 -1.49
C MET A 341 12.93 10.72 -2.26
N CYS A 342 12.37 11.13 -3.39
CA CYS A 342 12.96 12.16 -4.24
C CYS A 342 13.24 13.45 -3.46
N LEU A 343 14.50 13.87 -3.40
CA LEU A 343 14.85 15.08 -2.68
C LEU A 343 14.54 16.38 -3.42
N ALA A 344 13.96 16.25 -4.61
CA ALA A 344 13.57 17.42 -5.38
C ALA A 344 12.25 17.90 -4.78
N PHE A 345 11.65 17.07 -3.92
CA PHE A 345 10.39 17.41 -3.27
C PHE A 345 10.61 18.15 -1.94
N ALA A 346 11.86 18.27 -1.51
CA ALA A 346 12.16 18.93 -0.23
C ALA A 346 11.90 20.43 -0.27
N LYS A 347 11.69 21.02 0.91
CA LYS A 347 11.43 22.46 1.02
C LYS A 347 12.58 23.22 0.35
N GLU A 348 13.80 22.76 0.61
CA GLU A 348 15.01 23.30 0.01
C GLU A 348 15.45 22.09 -0.81
N PRO A 349 14.97 22.00 -2.06
CA PRO A 349 15.27 20.90 -2.98
C PRO A 349 16.70 20.64 -3.40
N PHE A 350 16.98 19.37 -3.67
CA PHE A 350 18.29 18.92 -4.12
C PHE A 350 18.12 18.57 -5.60
N ASP A 351 19.22 18.57 -6.35
CA ASP A 351 19.15 18.19 -7.76
C ASP A 351 18.92 16.68 -7.79
N ILE A 352 18.24 16.21 -8.83
CA ILE A 352 17.99 14.78 -8.98
C ILE A 352 18.30 14.38 -10.42
N LYS A 353 18.45 13.07 -10.64
CA LYS A 353 18.75 12.55 -11.97
C LYS A 353 17.61 11.70 -12.48
N PRO A 354 17.42 11.66 -13.81
CA PRO A 354 16.34 10.86 -14.38
C PRO A 354 16.53 9.38 -14.03
N GLY A 355 15.43 8.69 -13.76
CA GLY A 355 15.48 7.27 -13.46
C GLY A 355 15.74 6.89 -12.01
N ALA A 356 16.18 7.82 -11.18
CA ALA A 356 16.46 7.53 -9.78
C ALA A 356 15.15 7.45 -9.00
N CYS A 357 15.10 6.58 -7.98
CA CYS A 357 13.89 6.44 -7.20
C CYS A 357 13.96 7.22 -5.89
N GLY A 358 14.95 8.10 -5.77
CA GLY A 358 15.09 8.92 -4.58
C GLY A 358 16.35 8.64 -3.78
N THR A 359 16.38 9.20 -2.57
CA THR A 359 17.49 9.04 -1.65
C THR A 359 16.93 8.39 -0.37
N VAL A 360 17.69 7.49 0.23
CA VAL A 360 17.23 6.84 1.46
C VAL A 360 16.75 7.91 2.45
N VAL A 361 15.64 7.62 3.12
CA VAL A 361 15.06 8.55 4.08
C VAL A 361 15.99 8.80 5.27
N ARG A 362 15.80 9.95 5.93
CA ARG A 362 16.60 10.32 7.10
C ARG A 362 16.20 9.40 8.25
N ASN A 363 16.96 9.43 9.34
CA ASN A 363 16.71 8.58 10.52
C ASN A 363 16.61 7.11 10.12
N ALA A 364 17.53 6.68 9.26
CA ALA A 364 17.58 5.31 8.80
C ALA A 364 18.95 4.99 8.20
N GLU A 365 19.18 3.71 7.93
CA GLU A 365 20.43 3.26 7.34
C GLU A 365 20.09 2.31 6.20
N MET A 366 20.90 2.36 5.15
CA MET A 366 20.69 1.47 4.02
C MET A 366 22.02 0.87 3.61
N LYS A 367 21.99 -0.39 3.17
CA LYS A 367 23.19 -1.03 2.67
C LYS A 367 22.79 -1.89 1.48
N ILE A 368 23.75 -2.13 0.59
CA ILE A 368 23.55 -2.92 -0.61
C ILE A 368 24.42 -4.16 -0.42
N VAL A 369 23.82 -5.34 -0.41
CA VAL A 369 24.58 -6.56 -0.19
C VAL A 369 24.65 -7.51 -1.37
N ASP A 370 25.79 -8.18 -1.49
CA ASP A 370 25.99 -9.17 -2.54
C ASP A 370 25.05 -10.32 -2.17
N PRO A 371 24.08 -10.63 -3.04
CA PRO A 371 23.10 -11.70 -2.83
C PRO A 371 23.69 -13.06 -2.43
N GLU A 372 24.88 -13.37 -2.91
CA GLU A 372 25.48 -14.65 -2.59
C GLU A 372 26.42 -14.66 -1.38
N THR A 373 27.16 -13.58 -1.17
CA THR A 373 28.08 -13.53 -0.04
C THR A 373 27.55 -12.76 1.17
N GLY A 374 26.58 -11.88 0.95
CA GLY A 374 26.02 -11.11 2.04
C GLY A 374 26.91 -9.93 2.41
N ALA A 375 28.01 -9.77 1.68
CA ALA A 375 28.93 -8.69 1.94
C ALA A 375 28.34 -7.34 1.53
N SER A 376 28.70 -6.29 2.27
CA SER A 376 28.21 -4.95 1.97
C SER A 376 28.99 -4.39 0.77
N LEU A 377 28.29 -3.66 -0.10
CA LEU A 377 28.93 -3.12 -1.30
C LEU A 377 29.02 -1.59 -1.30
N PRO A 378 30.05 -1.05 -1.98
CA PRO A 378 30.24 0.39 -2.06
C PRO A 378 29.32 0.99 -3.13
N ARG A 379 29.54 2.28 -3.44
CA ARG A 379 28.71 2.95 -4.43
C ARG A 379 28.85 2.38 -5.83
N ASN A 380 27.77 2.49 -6.60
CA ASN A 380 27.72 2.03 -7.97
C ASN A 380 27.83 0.53 -8.18
N GLN A 381 27.65 -0.24 -7.11
CA GLN A 381 27.71 -1.69 -7.20
C GLN A 381 26.33 -2.22 -6.88
N PRO A 382 25.66 -2.88 -7.84
CA PRO A 382 24.33 -3.42 -7.62
C PRO A 382 24.30 -4.63 -6.67
N GLY A 383 23.25 -4.68 -5.85
CA GLY A 383 23.09 -5.78 -4.91
C GLY A 383 21.72 -5.66 -4.27
N GLU A 384 21.42 -6.49 -3.29
CA GLU A 384 20.11 -6.40 -2.65
C GLU A 384 20.03 -5.21 -1.71
N ILE A 385 18.96 -4.45 -1.85
CA ILE A 385 18.73 -3.26 -1.02
C ILE A 385 18.22 -3.70 0.36
N CYS A 386 18.87 -3.21 1.40
CA CYS A 386 18.48 -3.52 2.78
C CYS A 386 18.36 -2.21 3.55
N ILE A 387 17.43 -2.16 4.50
CA ILE A 387 17.26 -0.95 5.27
C ILE A 387 17.00 -1.28 6.75
N ARG A 388 17.38 -0.35 7.62
CA ARG A 388 17.24 -0.53 9.05
C ARG A 388 16.75 0.79 9.67
N GLY A 389 15.80 0.69 10.58
CA GLY A 389 15.25 1.88 11.22
C GLY A 389 13.99 1.57 12.00
N ASP A 390 13.53 2.53 12.80
CA ASP A 390 12.33 2.32 13.61
C ASP A 390 11.05 2.25 12.78
N GLN A 391 11.14 2.57 11.49
CA GLN A 391 9.95 2.55 10.65
C GLN A 391 9.56 1.19 10.09
N ILE A 392 10.45 0.21 10.16
CA ILE A 392 10.11 -1.10 9.59
C ILE A 392 9.09 -1.87 10.41
N MET A 393 8.51 -2.89 9.80
CA MET A 393 7.49 -3.70 10.45
C MET A 393 8.01 -4.41 11.69
N LYS A 394 7.08 -4.77 12.57
CA LYS A 394 7.40 -5.51 13.78
C LYS A 394 7.70 -6.94 13.30
N GLY A 395 6.94 -7.38 12.30
CA GLY A 395 7.13 -8.72 11.75
C GLY A 395 5.85 -9.22 11.10
N TYR A 396 5.86 -10.47 10.63
CA TYR A 396 4.68 -11.05 10.00
C TYR A 396 3.78 -11.70 11.04
N LEU A 397 2.47 -11.53 10.88
CA LEU A 397 1.51 -12.10 11.83
C LEU A 397 1.55 -13.62 11.85
N ASN A 398 1.76 -14.19 13.04
CA ASN A 398 1.80 -15.65 13.22
C ASN A 398 2.72 -16.38 12.25
N ASP A 399 3.82 -15.76 11.86
CA ASP A 399 4.73 -16.40 10.92
C ASP A 399 6.18 -16.06 11.23
N PRO A 400 6.74 -16.65 12.29
CA PRO A 400 8.13 -16.39 12.68
C PRO A 400 9.20 -16.75 11.65
N GLU A 401 8.99 -17.82 10.88
CA GLU A 401 9.99 -18.19 9.87
C GLU A 401 10.04 -17.16 8.74
N ALA A 402 8.90 -16.61 8.36
CA ALA A 402 8.86 -15.61 7.30
C ALA A 402 9.56 -14.35 7.81
N THR A 403 9.33 -14.01 9.07
CA THR A 403 9.94 -12.83 9.65
C THR A 403 11.46 -13.03 9.71
N SER A 404 11.88 -14.23 10.10
CA SER A 404 13.29 -14.53 10.20
C SER A 404 14.05 -14.46 8.87
N ARG A 405 13.39 -14.81 7.77
CA ARG A 405 14.10 -14.73 6.48
C ARG A 405 13.96 -13.37 5.79
N THR A 406 13.25 -12.44 6.43
CA THR A 406 13.04 -11.11 5.86
C THR A 406 13.82 -10.02 6.60
N ILE A 407 13.86 -10.12 7.93
CA ILE A 407 14.63 -9.16 8.74
C ILE A 407 15.75 -10.00 9.35
N ASP A 408 17.01 -9.66 9.06
CA ASP A 408 18.11 -10.45 9.58
C ASP A 408 18.48 -10.23 11.05
N LYS A 409 19.42 -11.02 11.54
CA LYS A 409 19.83 -10.96 12.93
C LYS A 409 20.35 -9.59 13.38
N GLU A 410 20.75 -8.76 12.43
CA GLU A 410 21.25 -7.43 12.79
C GLU A 410 20.21 -6.33 12.59
N GLY A 411 18.98 -6.75 12.33
CA GLY A 411 17.89 -5.80 12.17
C GLY A 411 17.66 -5.22 10.78
N TRP A 412 18.37 -5.73 9.78
CA TRP A 412 18.19 -5.23 8.42
C TRP A 412 17.04 -5.92 7.69
N LEU A 413 16.18 -5.12 7.09
CA LEU A 413 15.07 -5.63 6.31
C LEU A 413 15.62 -5.89 4.90
N HIS A 414 15.45 -7.10 4.40
CA HIS A 414 15.90 -7.45 3.05
C HIS A 414 14.71 -7.32 2.10
N THR A 415 14.82 -6.42 1.13
CA THR A 415 13.75 -6.12 0.18
C THR A 415 13.52 -7.08 -0.98
N GLY A 416 14.55 -7.80 -1.40
CA GLY A 416 14.40 -8.67 -2.54
C GLY A 416 14.55 -7.85 -3.83
N ASP A 417 14.91 -6.57 -3.66
CA ASP A 417 15.12 -5.67 -4.79
C ASP A 417 16.61 -5.46 -5.02
N ILE A 418 17.00 -5.33 -6.29
CA ILE A 418 18.41 -5.10 -6.64
C ILE A 418 18.59 -3.65 -7.11
N GLY A 419 19.57 -2.96 -6.53
CA GLY A 419 19.83 -1.59 -6.90
C GLY A 419 21.23 -1.15 -6.50
N TYR A 420 21.54 0.12 -6.74
CA TYR A 420 22.85 0.63 -6.36
C TYR A 420 22.69 2.12 -6.03
N ILE A 421 23.65 2.66 -5.30
CA ILE A 421 23.59 4.07 -4.93
C ILE A 421 24.77 4.77 -5.59
N ASP A 422 24.52 5.89 -6.26
CA ASP A 422 25.59 6.59 -6.94
C ASP A 422 26.34 7.61 -6.09
N ASP A 423 27.26 8.33 -6.72
CA ASP A 423 28.08 9.33 -6.03
C ASP A 423 27.28 10.47 -5.41
N ASP A 424 26.04 10.66 -5.84
CA ASP A 424 25.21 11.74 -5.29
C ASP A 424 24.13 11.20 -4.35
N ASP A 425 24.33 9.98 -3.86
CA ASP A 425 23.39 9.34 -2.96
C ASP A 425 22.00 9.14 -3.55
N GLU A 426 21.95 8.93 -4.86
CA GLU A 426 20.67 8.67 -5.51
C GLU A 426 20.62 7.18 -5.76
N LEU A 427 19.49 6.57 -5.40
CA LEU A 427 19.28 5.14 -5.54
C LEU A 427 18.61 4.75 -6.84
N PHE A 428 19.13 3.72 -7.49
CA PHE A 428 18.60 3.20 -8.75
C PHE A 428 18.25 1.73 -8.56
N ILE A 429 17.01 1.38 -8.90
CA ILE A 429 16.55 -0.01 -8.80
C ILE A 429 16.67 -0.59 -10.20
N VAL A 430 17.44 -1.66 -10.33
CA VAL A 430 17.69 -2.26 -11.64
C VAL A 430 17.19 -3.69 -11.88
N ASP A 431 16.76 -4.37 -10.82
CA ASP A 431 16.28 -5.73 -10.99
C ASP A 431 15.53 -6.18 -9.75
N ARG A 432 15.01 -7.40 -9.78
CA ARG A 432 14.26 -7.94 -8.67
C ARG A 432 14.70 -9.37 -8.38
N LEU A 433 15.08 -9.62 -7.14
CA LEU A 433 15.54 -10.93 -6.73
C LEU A 433 14.31 -11.79 -6.43
N LYS A 434 13.34 -11.20 -5.75
CA LYS A 434 12.11 -11.89 -5.40
C LYS A 434 11.18 -12.23 -6.57
N GLU A 435 10.31 -13.20 -6.35
CA GLU A 435 9.36 -13.71 -7.33
C GLU A 435 8.15 -12.81 -7.57
N LEU A 436 7.93 -11.84 -6.69
CA LEU A 436 6.79 -10.93 -6.81
C LEU A 436 6.48 -10.43 -8.22
N ILE A 437 5.20 -10.44 -8.56
CA ILE A 437 4.73 -9.94 -9.86
C ILE A 437 3.92 -8.70 -9.53
N LYS A 438 4.06 -7.64 -10.32
CA LYS A 438 3.31 -6.43 -10.07
C LYS A 438 2.44 -6.06 -11.26
N TYR A 439 1.13 -6.04 -11.04
CA TYR A 439 0.15 -5.70 -12.08
C TYR A 439 -0.45 -4.35 -11.66
N LYS A 440 -0.17 -3.32 -12.44
CA LYS A 440 -0.67 -1.98 -12.16
C LYS A 440 -0.46 -1.57 -10.71
N GLY A 441 0.73 -1.87 -10.17
CA GLY A 441 1.03 -1.50 -8.81
C GLY A 441 0.57 -2.50 -7.75
N PHE A 442 -0.35 -3.38 -8.13
CA PHE A 442 -0.88 -4.40 -7.23
C PHE A 442 0.04 -5.61 -7.16
N GLN A 443 0.12 -6.21 -5.98
CA GLN A 443 0.93 -7.40 -5.81
C GLN A 443 0.20 -8.61 -6.36
N VAL A 444 0.93 -9.47 -7.05
CA VAL A 444 0.38 -10.71 -7.56
C VAL A 444 1.42 -11.75 -7.17
N ALA A 445 1.16 -12.46 -6.08
CA ALA A 445 2.08 -13.47 -5.59
C ALA A 445 1.94 -14.76 -6.39
N PRO A 446 3.02 -15.18 -7.09
CA PRO A 446 2.98 -16.41 -7.88
C PRO A 446 2.57 -17.63 -7.04
N ALA A 447 3.08 -17.70 -5.81
CA ALA A 447 2.77 -18.82 -4.93
C ALA A 447 1.28 -18.96 -4.65
N GLU A 448 0.58 -17.83 -4.59
CA GLU A 448 -0.85 -17.85 -4.32
C GLU A 448 -1.62 -18.49 -5.46
N LEU A 449 -1.32 -18.06 -6.69
CA LEU A 449 -1.97 -18.60 -7.88
C LEU A 449 -1.57 -20.05 -8.11
N GLU A 450 -0.32 -20.37 -7.79
CA GLU A 450 0.18 -21.73 -7.95
C GLU A 450 -0.60 -22.68 -7.05
N ALA A 451 -0.80 -22.28 -5.79
CA ALA A 451 -1.54 -23.10 -4.84
C ALA A 451 -2.97 -23.32 -5.33
N LEU A 452 -3.59 -22.28 -5.88
CA LEU A 452 -4.96 -22.40 -6.36
C LEU A 452 -5.05 -23.36 -7.56
N LEU A 453 -4.08 -23.27 -8.46
CA LEU A 453 -4.05 -24.15 -9.63
C LEU A 453 -3.86 -25.61 -9.23
N ILE A 454 -2.91 -25.85 -8.34
CA ILE A 454 -2.62 -27.20 -7.88
C ILE A 454 -3.78 -27.82 -7.11
N ALA A 455 -4.64 -26.99 -6.55
CA ALA A 455 -5.80 -27.49 -5.82
C ALA A 455 -6.83 -28.09 -6.78
N HIS A 456 -6.67 -27.78 -8.07
CA HIS A 456 -7.58 -28.29 -9.09
C HIS A 456 -7.37 -29.80 -9.25
N PRO A 457 -8.46 -30.57 -9.31
CA PRO A 457 -8.40 -32.03 -9.46
C PRO A 457 -7.61 -32.53 -10.67
N GLU A 458 -7.64 -31.78 -11.76
CA GLU A 458 -6.94 -32.18 -12.98
C GLU A 458 -5.55 -31.54 -13.16
N ILE A 459 -5.04 -30.90 -12.12
CA ILE A 459 -3.72 -30.27 -12.19
C ILE A 459 -2.83 -30.87 -11.12
N SER A 460 -1.66 -31.37 -11.52
CA SER A 460 -0.74 -31.97 -10.56
C SER A 460 0.35 -30.99 -10.15
N ASP A 461 0.66 -30.03 -11.02
CA ASP A 461 1.70 -29.05 -10.70
C ASP A 461 1.52 -27.79 -11.53
N ALA A 462 2.14 -26.69 -11.09
CA ALA A 462 2.03 -25.44 -11.81
C ALA A 462 3.06 -24.42 -11.34
N ALA A 463 3.30 -23.43 -12.19
CA ALA A 463 4.24 -22.37 -11.87
C ALA A 463 3.72 -21.11 -12.54
N VAL A 464 3.73 -20.00 -11.82
CA VAL A 464 3.25 -18.74 -12.37
C VAL A 464 4.39 -17.74 -12.48
N VAL A 465 4.49 -17.07 -13.63
CA VAL A 465 5.54 -16.09 -13.86
C VAL A 465 4.96 -14.81 -14.45
N GLY A 466 5.73 -13.73 -14.33
CA GLY A 466 5.28 -12.46 -14.86
C GLY A 466 5.70 -12.20 -16.29
N LEU A 467 4.74 -11.81 -17.11
CA LEU A 467 4.98 -11.51 -18.52
C LEU A 467 4.94 -9.99 -18.72
N LYS A 468 5.99 -9.43 -19.30
CA LYS A 468 6.06 -7.99 -19.54
C LYS A 468 4.80 -7.49 -20.25
N ASP A 469 4.28 -6.37 -19.79
CA ASP A 469 3.08 -5.78 -20.37
C ASP A 469 3.13 -4.25 -20.29
N GLU A 470 3.12 -3.61 -21.45
CA GLU A 470 3.19 -2.15 -21.53
C GLU A 470 2.11 -1.44 -20.69
N ASP A 471 0.91 -1.99 -20.68
CA ASP A 471 -0.21 -1.39 -19.96
C ASP A 471 -0.21 -1.60 -18.44
N ALA A 472 0.07 -2.82 -17.99
CA ALA A 472 0.05 -3.10 -16.55
C ALA A 472 1.43 -3.35 -15.93
N GLY A 473 2.47 -3.40 -16.76
CA GLY A 473 3.81 -3.65 -16.26
C GLY A 473 4.11 -5.13 -16.35
N GLU A 474 3.31 -5.92 -15.65
CA GLU A 474 3.45 -7.38 -15.63
C GLU A 474 2.08 -8.02 -15.56
N VAL A 475 1.92 -9.15 -16.26
CA VAL A 475 0.67 -9.89 -16.23
C VAL A 475 1.04 -11.33 -15.91
N PRO A 476 0.24 -12.00 -15.06
CA PRO A 476 0.56 -13.39 -14.72
C PRO A 476 0.17 -14.41 -15.77
N VAL A 477 1.09 -15.35 -16.02
CA VAL A 477 0.85 -16.42 -16.97
C VAL A 477 1.22 -17.70 -16.24
N ALA A 478 0.55 -18.81 -16.58
CA ALA A 478 0.82 -20.06 -15.89
C ALA A 478 1.26 -21.23 -16.75
N PHE A 479 2.18 -22.02 -16.19
CA PHE A 479 2.68 -23.23 -16.83
C PHE A 479 1.99 -24.30 -16.00
N VAL A 480 1.24 -25.18 -16.65
CA VAL A 480 0.50 -26.21 -15.93
C VAL A 480 0.79 -27.64 -16.37
N VAL A 481 0.87 -28.54 -15.40
CA VAL A 481 1.08 -29.96 -15.66
C VAL A 481 -0.23 -30.63 -15.31
N LYS A 482 -0.97 -31.08 -16.32
CA LYS A 482 -2.25 -31.74 -16.10
C LYS A 482 -2.09 -33.17 -15.60
N SER A 483 -3.15 -33.69 -14.98
CA SER A 483 -3.13 -35.06 -14.49
C SER A 483 -3.18 -35.96 -15.73
N GLU A 484 -2.73 -37.20 -15.57
CA GLU A 484 -2.64 -38.16 -16.67
C GLU A 484 -3.63 -38.11 -17.85
N LYS A 485 -4.92 -38.26 -17.57
CA LYS A 485 -5.90 -38.26 -18.66
C LYS A 485 -6.79 -37.02 -18.74
N SER A 486 -6.32 -35.91 -18.20
CA SER A 486 -7.09 -34.67 -18.20
C SER A 486 -7.34 -34.11 -19.60
N GLN A 487 -8.55 -33.60 -19.82
CA GLN A 487 -8.94 -33.02 -21.10
C GLN A 487 -9.16 -31.52 -20.93
N ALA A 488 -8.80 -31.00 -19.75
CA ALA A 488 -8.95 -29.58 -19.44
C ALA A 488 -8.24 -28.69 -20.44
N THR A 489 -8.87 -27.57 -20.79
CA THR A 489 -8.30 -26.63 -21.74
C THR A 489 -7.80 -25.35 -21.07
N GLU A 490 -7.07 -24.54 -21.82
CA GLU A 490 -6.55 -23.29 -21.30
C GLU A 490 -7.66 -22.42 -20.73
N ASP A 491 -8.73 -22.25 -21.49
CA ASP A 491 -9.85 -21.43 -21.05
C ASP A 491 -10.59 -21.97 -19.85
N GLU A 492 -10.70 -23.29 -19.74
CA GLU A 492 -11.38 -23.90 -18.61
C GLU A 492 -10.62 -23.61 -17.33
N ILE A 493 -9.29 -23.67 -17.39
CA ILE A 493 -8.46 -23.40 -16.24
C ILE A 493 -8.53 -21.93 -15.86
N LYS A 494 -8.50 -21.06 -16.87
CA LYS A 494 -8.57 -19.62 -16.62
C LYS A 494 -9.89 -19.26 -15.96
N GLN A 495 -10.97 -19.90 -16.39
CA GLN A 495 -12.28 -19.65 -15.82
C GLN A 495 -12.30 -20.12 -14.37
N TYR A 496 -11.61 -21.24 -14.13
CA TYR A 496 -11.52 -21.81 -12.80
C TYR A 496 -10.87 -20.84 -11.83
N ILE A 497 -9.82 -20.17 -12.29
CA ILE A 497 -9.09 -19.20 -11.48
C ILE A 497 -9.84 -17.87 -11.38
N SER A 498 -10.39 -17.43 -12.49
CA SER A 498 -11.11 -16.15 -12.55
C SER A 498 -12.26 -16.06 -11.55
N LYS A 499 -12.87 -17.19 -11.22
CA LYS A 499 -13.99 -17.21 -10.28
C LYS A 499 -13.57 -17.11 -8.82
N GLN A 500 -12.31 -17.40 -8.54
CA GLN A 500 -11.81 -17.37 -7.17
C GLN A 500 -10.93 -16.18 -6.81
N VAL A 501 -10.37 -15.51 -7.81
CA VAL A 501 -9.47 -14.40 -7.55
C VAL A 501 -9.92 -13.03 -8.06
N ILE A 502 -9.38 -12.00 -7.42
CA ILE A 502 -9.69 -10.62 -7.78
C ILE A 502 -9.26 -10.41 -9.24
N PHE A 503 -9.95 -9.50 -9.91
CA PHE A 503 -9.71 -9.24 -11.33
C PHE A 503 -8.27 -9.16 -11.83
N TYR A 504 -7.39 -8.49 -11.11
CA TYR A 504 -6.01 -8.36 -11.57
C TYR A 504 -5.12 -9.59 -11.37
N LYS A 505 -5.63 -10.62 -10.71
CA LYS A 505 -4.85 -11.84 -10.49
C LYS A 505 -5.22 -12.91 -11.51
N ARG A 506 -6.09 -12.59 -12.45
CA ARG A 506 -6.48 -13.56 -13.47
C ARG A 506 -5.26 -13.91 -14.33
N ILE A 507 -5.12 -15.19 -14.68
CA ILE A 507 -3.98 -15.59 -15.51
C ILE A 507 -4.31 -15.30 -16.97
N LYS A 508 -3.40 -14.63 -17.66
CA LYS A 508 -3.61 -14.26 -19.05
C LYS A 508 -3.43 -15.41 -20.03
N ARG A 509 -2.50 -16.31 -19.73
CA ARG A 509 -2.24 -17.45 -20.59
C ARG A 509 -1.92 -18.70 -19.77
N VAL A 510 -2.26 -19.85 -20.34
CA VAL A 510 -1.99 -21.13 -19.70
C VAL A 510 -1.20 -21.98 -20.68
N PHE A 511 0.02 -22.36 -20.31
CA PHE A 511 0.87 -23.19 -21.15
C PHE A 511 1.01 -24.56 -20.47
N PHE A 512 0.71 -25.62 -21.21
CA PHE A 512 0.80 -26.96 -20.68
C PHE A 512 2.16 -27.57 -20.97
N ILE A 513 2.81 -28.09 -19.92
CA ILE A 513 4.11 -28.72 -20.06
C ILE A 513 4.11 -30.03 -19.29
N GLU A 514 5.16 -30.83 -19.45
CA GLU A 514 5.26 -32.12 -18.78
C GLU A 514 5.74 -32.06 -17.34
N ALA A 515 6.53 -31.05 -17.02
CA ALA A 515 7.05 -30.91 -15.66
C ALA A 515 7.54 -29.49 -15.38
N ILE A 516 7.44 -29.09 -14.12
CA ILE A 516 7.89 -27.77 -13.70
C ILE A 516 9.35 -27.89 -13.29
N PRO A 517 10.24 -27.13 -13.94
CA PRO A 517 11.67 -27.17 -13.61
C PRO A 517 11.92 -26.75 -12.17
N LYS A 518 12.59 -27.60 -11.40
CA LYS A 518 12.88 -27.30 -10.00
C LYS A 518 14.32 -27.63 -9.63
N ALA A 519 14.83 -26.92 -8.63
CA ALA A 519 16.20 -27.14 -8.16
C ALA A 519 16.22 -28.46 -7.40
N PRO A 520 17.41 -29.09 -7.29
CA PRO A 520 17.54 -30.36 -6.57
C PRO A 520 16.85 -30.32 -5.21
N SER A 521 16.64 -29.11 -4.70
CA SER A 521 15.99 -28.93 -3.40
C SER A 521 14.48 -29.01 -3.57
N GLY A 522 13.99 -28.49 -4.69
CA GLY A 522 12.56 -28.51 -4.97
C GLY A 522 12.04 -27.13 -5.34
N LYS A 523 12.88 -26.11 -5.20
CA LYS A 523 12.50 -24.75 -5.52
C LYS A 523 12.24 -24.61 -7.02
N ILE A 524 11.19 -23.86 -7.38
CA ILE A 524 10.85 -23.66 -8.79
C ILE A 524 11.88 -22.77 -9.48
N LEU A 525 12.43 -23.26 -10.58
CA LEU A 525 13.41 -22.48 -11.33
C LEU A 525 12.66 -21.47 -12.19
N ARG A 526 12.17 -20.42 -11.54
CA ARG A 526 11.41 -19.36 -12.19
C ARG A 526 12.20 -18.65 -13.29
N LYS A 527 13.51 -18.53 -13.09
CA LYS A 527 14.36 -17.87 -14.08
C LYS A 527 14.29 -18.64 -15.39
N ASN A 528 14.31 -19.96 -15.28
CA ASN A 528 14.24 -20.85 -16.43
C ASN A 528 12.91 -20.68 -17.16
N LEU A 529 11.83 -20.62 -16.39
CA LEU A 529 10.50 -20.47 -16.96
C LEU A 529 10.30 -19.15 -17.70
N LYS A 530 10.67 -18.05 -17.06
CA LYS A 530 10.53 -16.74 -17.68
C LYS A 530 11.31 -16.71 -18.99
N GLU A 531 12.37 -17.50 -19.05
CA GLU A 531 13.20 -17.59 -20.24
C GLU A 531 12.48 -18.48 -21.26
N LYS A 532 11.19 -18.69 -21.03
CA LYS A 532 10.36 -19.51 -21.90
C LYS A 532 10.73 -20.98 -21.78
#